data_2YLJ
#
_entry.id   2YLJ
#
_cell.length_a   40.400
_cell.length_b   67.370
_cell.length_c   117.770
_cell.angle_alpha   90.00
_cell.angle_beta   90.00
_cell.angle_gamma   90.00
#
_symmetry.space_group_name_H-M   'P 21 21 21'
#
loop_
_entity.id
_entity.type
_entity.pdbx_description
1 polymer 'PEROXIDASE C1A'
2 non-polymer 'PROTOPORPHYRIN IX CONTAINING FE'
3 non-polymer 'CALCIUM ION'
4 non-polymer 'ACETATE ION'
5 water water
#
_entity_poly.entity_id   1
_entity_poly.type   'polypeptide(L)'
_entity_poly.pdbx_seq_one_letter_code
;QLTPTFYDNSCPNVSNIVRDTIVNELRSDPRIAASILRLHFHDCFVNGCDASILLDNTTSFRTEKDAFGNANSARGFPVI
DRMKAAVESACPRTVSCADLLTIAAQQSVTLAGGPSWRVPLGRRDSLQAFLDLANANLPAPFFTLPQLKDSFRNVGLNRS
SDLVALYGGHTFGKNQCRFIMDRLYNFSNTGLPDPTLNTTYLQTLRGLCPLNGNLSALVDFDLRTPTIFDNKYYVNLEEQ
KGLIQSDQELFSSPNATDTIPLVRSFANSTQTFFNAFVEAMDRMGNITPLTGTQGQIRLNCRVVNS
;
_entity_poly.pdbx_strand_id   A
#
loop_
_chem_comp.id
_chem_comp.type
_chem_comp.name
_chem_comp.formula
ACT non-polymer 'ACETATE ION' 'C2 H3 O2 -1'
CA non-polymer 'CALCIUM ION' 'Ca 2'
HEM non-polymer 'PROTOPORPHYRIN IX CONTAINING FE' 'C34 H32 Fe N4 O4'
#
# COMPACT_ATOMS: atom_id res chain seq x y z
N GLN A 1 11.99 -3.08 20.81
CA GLN A 1 10.80 -3.71 20.24
C GLN A 1 9.75 -2.62 20.04
N LEU A 2 9.08 -2.60 18.88
CA LEU A 2 7.99 -1.67 18.70
C LEU A 2 6.84 -2.08 19.61
N THR A 3 6.06 -1.12 20.06
CA THR A 3 4.98 -1.39 21.02
C THR A 3 3.78 -0.52 20.72
N PRO A 4 2.55 -1.08 20.82
CA PRO A 4 1.40 -0.20 20.54
C PRO A 4 1.15 0.92 21.57
N THR A 5 1.76 0.86 22.75
CA THR A 5 1.52 1.85 23.79
C THR A 5 2.52 2.99 23.77
N PHE A 6 3.35 3.05 22.72
CA PHE A 6 4.50 3.96 22.70
C PHE A 6 4.16 5.42 22.99
N TYR A 7 3.03 5.91 22.50
CA TYR A 7 2.64 7.32 22.71
C TYR A 7 1.56 7.51 23.79
N ASP A 8 1.28 6.46 24.54
CA ASP A 8 0.16 6.52 25.50
C ASP A 8 0.37 7.60 26.59
N ASN A 9 1.62 7.89 26.95
CA ASN A 9 1.91 9.04 27.82
C ASN A 9 2.23 10.31 27.03
N SER A 10 3.08 10.22 26.01
CA SER A 10 3.53 11.45 25.33
C SER A 10 2.57 12.08 24.32
N CYS A 11 1.67 11.30 23.74
CA CYS A 11 0.74 11.87 22.76
C CYS A 11 -0.44 10.97 22.63
N PRO A 12 -1.24 10.89 23.69
CA PRO A 12 -2.29 9.88 23.73
C PRO A 12 -3.35 10.08 22.67
N ASN A 13 -3.60 11.28 22.17
CA ASN A 13 -4.66 11.48 21.18
CA ASN A 13 -4.66 11.36 21.16
C ASN A 13 -4.14 11.39 19.74
N VAL A 14 -2.93 10.87 19.53
CA VAL A 14 -2.37 10.80 18.17
C VAL A 14 -3.26 10.05 17.17
N SER A 15 -3.71 8.84 17.47
CA SER A 15 -4.58 8.15 16.51
C SER A 15 -5.90 8.90 16.21
N ASN A 16 -6.43 9.62 17.21
CA ASN A 16 -7.62 10.47 17.01
C ASN A 16 -7.43 11.64 16.05
N ILE A 17 -6.28 12.29 16.15
CA ILE A 17 -5.95 13.39 15.26
C ILE A 17 -5.79 12.84 13.85
N VAL A 18 -5.12 11.70 13.75
CA VAL A 18 -4.94 11.04 12.47
C VAL A 18 -6.29 10.67 11.86
N ARG A 19 -7.12 10.00 12.65
CA ARG A 19 -8.46 9.67 12.22
C ARG A 19 -9.26 10.89 11.73
N ASP A 20 -9.31 11.96 12.50
CA ASP A 20 -10.13 13.10 12.10
C ASP A 20 -9.62 13.72 10.81
N THR A 21 -8.30 13.67 10.63
CA THR A 21 -7.72 14.24 9.42
C THR A 21 -8.23 13.42 8.23
N ILE A 22 -8.23 12.11 8.36
CA ILE A 22 -8.62 11.28 7.24
C ILE A 22 -10.13 11.41 6.99
N VAL A 23 -10.90 11.36 8.06
CA VAL A 23 -12.34 11.56 7.95
C VAL A 23 -12.66 12.83 7.16
N ASN A 24 -12.07 13.95 7.54
N ASN A 24 -12.04 13.93 7.54
CA ASN A 24 -12.27 15.17 6.77
CA ASN A 24 -12.24 15.19 6.83
C ASN A 24 -11.93 15.00 5.30
C ASN A 24 -11.84 15.16 5.35
N GLU A 25 -10.71 14.55 5.04
CA GLU A 25 -10.22 14.52 3.66
C GLU A 25 -11.12 13.63 2.81
N LEU A 26 -11.67 12.59 3.42
CA LEU A 26 -12.50 11.64 2.69
C LEU A 26 -13.77 12.29 2.14
N ARG A 27 -14.21 13.39 2.75
CA ARG A 27 -15.39 14.05 2.24
C ARG A 27 -15.18 14.55 0.82
N SER A 28 -13.97 14.99 0.51
CA SER A 28 -13.75 15.51 -0.83
C SER A 28 -12.87 14.64 -1.70
N ASP A 29 -12.21 13.65 -1.09
CA ASP A 29 -11.42 12.66 -1.83
C ASP A 29 -11.65 11.26 -1.26
N PRO A 30 -12.64 10.55 -1.82
CA PRO A 30 -13.02 9.22 -1.36
C PRO A 30 -11.90 8.20 -1.56
N ARG A 31 -10.90 8.56 -2.36
CA ARG A 31 -9.78 7.68 -2.69
C ARG A 31 -8.66 7.74 -1.63
N ILE A 32 -8.71 8.72 -0.73
CA ILE A 32 -7.55 9.00 0.14
C ILE A 32 -7.17 7.84 1.07
N ALA A 33 -8.14 7.10 1.58
CA ALA A 33 -7.80 6.01 2.45
C ALA A 33 -6.97 4.95 1.72
N ALA A 34 -7.36 4.60 0.50
CA ALA A 34 -6.55 3.70 -0.33
C ALA A 34 -5.14 4.25 -0.56
N SER A 35 -5.06 5.52 -0.95
CA SER A 35 -3.79 6.14 -1.30
C SER A 35 -2.85 6.09 -0.09
N ILE A 36 -3.39 6.32 1.10
CA ILE A 36 -2.54 6.34 2.30
C ILE A 36 -2.00 4.96 2.64
N LEU A 37 -2.85 3.95 2.52
CA LEU A 37 -2.37 2.60 2.79
C LEU A 37 -1.20 2.30 1.86
N ARG A 38 -1.36 2.69 0.60
CA ARG A 38 -0.29 2.41 -0.38
C ARG A 38 1.00 3.12 -0.05
N LEU A 39 0.89 4.37 0.42
CA LEU A 39 2.06 5.13 0.85
C LEU A 39 2.86 4.37 1.91
N HIS A 40 2.16 3.81 2.90
CA HIS A 40 2.82 3.06 3.97
C HIS A 40 3.53 1.80 3.40
N PHE A 41 2.86 1.10 2.50
CA PHE A 41 3.46 -0.06 1.81
C PHE A 41 4.75 0.37 1.09
N HIS A 42 4.67 1.45 0.33
CA HIS A 42 5.87 1.94 -0.34
C HIS A 42 6.95 2.48 0.58
N ASP A 43 6.56 2.91 1.78
CA ASP A 43 7.58 3.28 2.76
C ASP A 43 8.29 2.02 3.20
N CYS A 44 7.52 1.06 3.69
CA CYS A 44 8.08 -0.13 4.32
C CYS A 44 8.96 -0.98 3.41
N PHE A 45 8.62 -1.04 2.12
CA PHE A 45 9.36 -1.87 1.18
C PHE A 45 10.69 -1.25 0.75
N VAL A 46 10.96 -0.03 1.22
CA VAL A 46 12.24 0.62 0.87
C VAL A 46 12.99 1.10 2.11
N ASN A 47 13.99 0.33 2.54
CA ASN A 47 14.73 0.59 3.78
C ASN A 47 13.87 0.49 5.05
N GLY A 48 12.69 -0.09 4.91
CA GLY A 48 11.80 -0.27 6.06
C GLY A 48 10.92 0.92 6.29
N CYS A 49 10.05 0.86 7.31
CA CYS A 49 9.08 1.93 7.52
C CYS A 49 9.75 3.05 8.30
N ASP A 50 10.33 3.99 7.56
CA ASP A 50 11.24 4.99 8.13
C ASP A 50 10.90 6.37 7.54
N ALA A 51 9.74 6.47 6.93
CA ALA A 51 9.28 7.69 6.25
C ALA A 51 10.26 8.21 5.19
N SER A 52 11.09 7.33 4.66
CA SER A 52 12.05 7.75 3.63
C SER A 52 11.30 8.26 2.38
N ILE A 53 10.11 7.70 2.11
CA ILE A 53 9.31 8.09 0.94
C ILE A 53 8.79 9.52 1.03
N LEU A 54 8.64 10.04 2.26
CA LEU A 54 8.09 11.38 2.42
C LEU A 54 9.10 12.47 2.09
N LEU A 55 10.40 12.14 2.02
CA LEU A 55 11.39 13.17 1.75
C LEU A 55 11.34 13.69 0.34
N ASP A 56 11.45 15.01 0.19
CA ASP A 56 11.62 15.64 -1.14
C ASP A 56 13.08 15.66 -1.59
N ASN A 57 13.34 16.00 -2.86
CA ASN A 57 14.70 16.11 -3.36
C ASN A 57 15.63 16.97 -2.52
N THR A 58 16.89 16.56 -2.42
CA THR A 58 17.94 17.49 -2.01
C THR A 58 19.06 17.40 -3.04
N THR A 59 20.10 18.21 -2.88
CA THR A 59 21.18 18.18 -3.86
C THR A 59 22.09 16.98 -3.66
N SER A 60 21.96 16.31 -2.52
CA SER A 60 22.78 15.13 -2.26
C SER A 60 22.08 13.79 -2.51
N PHE A 61 20.73 13.74 -2.38
CA PHE A 61 19.98 12.53 -2.76
C PHE A 61 18.69 12.83 -3.49
N ARG A 62 18.25 11.89 -4.35
CA ARG A 62 17.00 12.05 -5.07
C ARG A 62 15.85 11.52 -4.25
N THR A 63 14.68 12.12 -4.45
CA THR A 63 13.46 11.65 -3.80
C THR A 63 12.97 10.30 -4.36
N GLU A 64 12.43 9.45 -3.47
CA GLU A 64 11.75 8.23 -3.92
C GLU A 64 10.50 8.57 -4.71
N LYS A 65 10.03 9.80 -4.62
CA LYS A 65 8.82 10.16 -5.32
C LYS A 65 9.01 10.06 -6.84
N ASP A 66 10.27 10.05 -7.29
CA ASP A 66 10.54 9.88 -8.71
C ASP A 66 10.83 8.44 -9.16
N ALA A 67 10.61 7.50 -8.25
CA ALA A 67 10.70 6.07 -8.58
C ALA A 67 9.63 5.69 -9.60
N PHE A 68 9.88 4.62 -10.35
CA PHE A 68 8.91 4.14 -11.31
C PHE A 68 7.57 3.78 -10.66
N GLY A 69 7.60 3.25 -9.44
CA GLY A 69 6.37 2.87 -8.74
C GLY A 69 5.69 4.02 -8.02
N ASN A 70 6.36 5.17 -7.92
CA ASN A 70 5.81 6.34 -7.22
C ASN A 70 5.42 7.49 -8.15
N ALA A 71 6.19 7.70 -9.20
CA ALA A 71 6.00 8.92 -10.00
C ALA A 71 4.68 8.87 -10.70
N ASN A 72 3.98 10.01 -10.66
CA ASN A 72 2.67 10.10 -11.28
C ASN A 72 1.79 8.93 -10.85
N SER A 73 1.84 8.57 -9.56
CA SER A 73 1.13 7.39 -9.06
C SER A 73 0.83 7.52 -7.59
N ALA A 74 1.87 7.59 -6.78
CA ALA A 74 1.70 7.77 -5.33
C ALA A 74 1.05 9.12 -5.07
N ARG A 75 0.19 9.19 -4.06
CA ARG A 75 -0.51 10.44 -3.79
C ARG A 75 -0.89 10.53 -2.31
N GLY A 76 -1.31 11.72 -1.86
CA GLY A 76 -1.73 11.90 -0.48
C GLY A 76 -0.72 12.63 0.39
N PHE A 77 0.43 13.00 -0.19
CA PHE A 77 1.49 13.65 0.59
C PHE A 77 1.02 14.90 1.39
N PRO A 78 0.22 15.81 0.77
CA PRO A 78 -0.24 16.98 1.52
C PRO A 78 -1.17 16.63 2.69
N VAL A 79 -1.86 15.50 2.62
CA VAL A 79 -2.73 15.07 3.72
C VAL A 79 -1.86 14.63 4.90
N ILE A 80 -0.73 13.99 4.57
CA ILE A 80 0.18 13.56 5.60
C ILE A 80 0.78 14.81 6.25
N ASP A 81 1.09 15.80 5.44
CA ASP A 81 1.60 17.07 5.98
C ASP A 81 0.62 17.66 6.99
N ARG A 82 -0.66 17.65 6.61
CA ARG A 82 -1.72 18.23 7.46
C ARG A 82 -1.86 17.48 8.78
N MET A 83 -1.96 16.15 8.75
CA MET A 83 -2.02 15.44 10.03
C MET A 83 -0.72 15.64 10.81
N LYS A 84 0.42 15.73 10.13
CA LYS A 84 1.67 15.99 10.85
C LYS A 84 1.65 17.33 11.59
N ALA A 85 1.20 18.38 10.91
CA ALA A 85 1.15 19.71 11.54
C ALA A 85 0.22 19.68 12.76
N ALA A 86 -0.91 19.00 12.63
CA ALA A 86 -1.89 18.90 13.71
C ALA A 86 -1.31 18.13 14.91
N VAL A 87 -0.60 17.04 14.65
CA VAL A 87 0.05 16.31 15.73
C VAL A 87 1.18 17.13 16.36
N GLU A 88 1.98 17.81 15.54
CA GLU A 88 3.03 18.64 16.09
C GLU A 88 2.41 19.72 16.96
N SER A 89 1.23 20.16 16.58
CA SER A 89 0.63 21.21 17.38
C SER A 89 0.22 20.66 18.76
N ALA A 90 -0.36 19.45 18.79
CA ALA A 90 -0.74 18.76 20.03
C ALA A 90 0.40 18.21 20.90
N CYS A 91 1.47 17.76 20.25
CA CYS A 91 2.46 16.86 20.84
C CYS A 91 3.80 17.23 20.23
N PRO A 92 4.26 18.45 20.49
CA PRO A 92 5.47 18.89 19.78
C PRO A 92 6.67 17.91 19.86
N ARG A 93 7.30 17.69 18.71
CA ARG A 93 8.54 16.90 18.56
C ARG A 93 8.46 15.51 19.15
N THR A 94 7.31 14.85 19.00
CA THR A 94 7.06 13.59 19.68
C THR A 94 6.84 12.40 18.74
N VAL A 95 5.98 12.60 17.75
CA VAL A 95 5.53 11.48 16.92
C VAL A 95 6.31 11.53 15.61
N SER A 96 7.01 10.42 15.31
CA SER A 96 7.77 10.33 14.05
C SER A 96 6.83 10.29 12.83
N CYS A 97 7.36 10.75 11.71
CA CYS A 97 6.63 10.62 10.45
C CYS A 97 6.40 9.14 10.11
N ALA A 98 7.36 8.28 10.43
CA ALA A 98 7.25 6.85 10.12
C ALA A 98 6.06 6.24 10.87
N ASP A 99 5.97 6.54 12.16
CA ASP A 99 4.83 6.08 12.96
C ASP A 99 3.53 6.73 12.50
N LEU A 100 3.58 8.03 12.17
CA LEU A 100 2.37 8.73 11.77
C LEU A 100 1.75 8.06 10.55
N LEU A 101 2.62 7.70 9.60
CA LEU A 101 2.14 7.08 8.38
C LEU A 101 1.61 5.68 8.66
N THR A 102 2.20 5.00 9.63
CA THR A 102 1.74 3.67 10.00
C THR A 102 0.34 3.75 10.59
N ILE A 103 0.14 4.70 11.51
CA ILE A 103 -1.19 4.89 12.11
C ILE A 103 -2.20 5.32 11.05
N ALA A 104 -1.76 6.20 10.15
CA ALA A 104 -2.62 6.66 9.07
C ALA A 104 -3.11 5.49 8.21
N ALA A 105 -2.21 4.55 7.92
CA ALA A 105 -2.59 3.41 7.08
C ALA A 105 -3.64 2.54 7.81
N GLN A 106 -3.40 2.30 9.09
CA GLN A 106 -4.31 1.49 9.88
C GLN A 106 -5.67 2.20 9.96
N GLN A 107 -5.65 3.49 10.25
CA GLN A 107 -6.93 4.23 10.38
C GLN A 107 -7.67 4.26 9.05
N SER A 108 -6.91 4.39 7.96
CA SER A 108 -7.50 4.36 6.63
C SER A 108 -8.23 3.04 6.39
N VAL A 109 -7.58 1.92 6.70
CA VAL A 109 -8.22 0.60 6.55
C VAL A 109 -9.52 0.50 7.38
N THR A 110 -9.45 0.90 8.63
CA THR A 110 -10.63 0.88 9.49
C THR A 110 -11.74 1.80 8.99
N LEU A 111 -11.40 3.00 8.57
CA LEU A 111 -12.38 3.96 8.07
C LEU A 111 -13.10 3.45 6.83
N ALA A 112 -12.40 2.63 6.03
CA ALA A 112 -13.02 2.04 4.83
C ALA A 112 -13.81 0.76 5.11
N GLY A 113 -13.96 0.38 6.38
CA GLY A 113 -14.75 -0.78 6.74
C GLY A 113 -13.94 -1.99 7.17
N GLY A 114 -12.61 -1.85 7.21
CA GLY A 114 -11.76 -2.99 7.52
C GLY A 114 -11.56 -3.22 9.02
N PRO A 115 -10.63 -4.12 9.39
CA PRO A 115 -10.38 -4.40 10.81
C PRO A 115 -9.85 -3.18 11.56
N SER A 116 -10.04 -3.21 12.87
CA SER A 116 -9.55 -2.18 13.76
C SER A 116 -8.51 -2.79 14.70
N TRP A 117 -7.31 -2.20 14.78
CA TRP A 117 -6.28 -2.72 15.70
C TRP A 117 -5.32 -1.60 16.07
N ARG A 118 -4.51 -1.82 17.10
CA ARG A 118 -3.50 -0.81 17.46
C ARG A 118 -2.17 -1.26 16.89
N VAL A 119 -1.55 -0.43 16.06
CA VAL A 119 -0.29 -0.82 15.46
C VAL A 119 0.84 -0.66 16.46
N PRO A 120 1.86 -1.51 16.34
CA PRO A 120 3.12 -1.28 17.08
C PRO A 120 3.74 0.08 16.68
N LEU A 121 4.32 0.80 17.64
CA LEU A 121 4.85 2.14 17.41
C LEU A 121 6.24 2.28 18.04
N GLY A 122 6.94 3.37 17.73
CA GLY A 122 8.32 3.54 18.16
C GLY A 122 9.33 3.70 17.01
N ARG A 123 8.84 3.73 15.78
CA ARG A 123 9.72 3.94 14.63
C ARG A 123 10.26 5.34 14.62
N ARG A 124 11.44 5.49 14.02
CA ARG A 124 12.05 6.81 13.84
C ARG A 124 12.33 7.08 12.36
N ASP A 125 12.62 8.35 12.07
CA ASP A 125 12.66 8.80 10.68
C ASP A 125 14.05 8.77 10.08
N SER A 126 14.12 8.33 8.83
CA SER A 126 15.36 8.24 8.06
C SER A 126 16.07 9.58 7.89
N LEU A 127 17.39 9.50 7.66
CA LEU A 127 18.21 10.66 7.38
C LEU A 127 18.47 10.83 5.89
N GLN A 128 17.87 9.97 5.06
CA GLN A 128 18.03 10.07 3.59
C GLN A 128 16.90 9.32 2.92
N ALA A 129 16.78 9.49 1.61
CA ALA A 129 15.81 8.74 0.82
C ALA A 129 16.55 7.84 -0.15
N PHE A 130 15.86 6.84 -0.68
CA PHE A 130 16.54 5.77 -1.42
C PHE A 130 15.86 5.54 -2.78
N LEU A 131 16.12 6.42 -3.75
CA LEU A 131 15.49 6.25 -5.07
C LEU A 131 15.84 4.92 -5.76
N ASP A 132 17.13 4.61 -5.84
CA ASP A 132 17.50 3.38 -6.52
C ASP A 132 16.90 2.17 -5.82
N LEU A 133 16.90 2.19 -4.49
CA LEU A 133 16.36 1.05 -3.76
C LEU A 133 14.85 0.93 -4.04
N ALA A 134 14.16 2.06 -4.16
CA ALA A 134 12.73 2.04 -4.46
C ALA A 134 12.51 1.43 -5.83
N ASN A 135 13.36 1.81 -6.81
CA ASN A 135 13.22 1.21 -8.15
C ASN A 135 13.49 -0.29 -8.17
N ALA A 136 14.37 -0.75 -7.28
CA ALA A 136 14.75 -2.16 -7.21
C ALA A 136 13.69 -2.96 -6.45
N ASN A 137 13.12 -2.36 -5.41
CA ASN A 137 12.32 -3.13 -4.46
C ASN A 137 10.81 -3.14 -4.66
N LEU A 138 10.25 -2.09 -5.25
CA LEU A 138 8.79 -2.06 -5.39
C LEU A 138 8.41 -2.99 -6.55
N PRO A 139 7.48 -3.93 -6.31
CA PRO A 139 7.18 -4.90 -7.36
C PRO A 139 6.37 -4.23 -8.48
N ALA A 140 6.41 -4.80 -9.67
CA ALA A 140 5.65 -4.26 -10.79
C ALA A 140 4.45 -5.14 -11.14
N PRO A 141 3.40 -4.55 -11.74
CA PRO A 141 2.17 -5.31 -11.99
C PRO A 141 2.33 -6.42 -13.01
N PHE A 142 3.42 -6.43 -13.79
CA PHE A 142 3.65 -7.50 -14.73
C PHE A 142 4.48 -8.62 -14.11
N PHE A 143 4.77 -8.54 -12.81
CA PHE A 143 5.51 -9.64 -12.15
C PHE A 143 4.73 -10.95 -12.12
N THR A 144 5.46 -12.05 -12.39
CA THR A 144 4.93 -13.42 -12.22
C THR A 144 4.87 -13.73 -10.74
N LEU A 145 4.18 -14.80 -10.35
CA LEU A 145 4.09 -15.11 -8.94
C LEU A 145 5.48 -15.34 -8.33
N PRO A 146 6.35 -16.10 -9.02
CA PRO A 146 7.68 -16.25 -8.42
C PRO A 146 8.39 -14.91 -8.22
N GLN A 147 8.22 -13.96 -9.15
CA GLN A 147 8.79 -12.63 -8.96
C GLN A 147 8.15 -11.89 -7.79
N LEU A 148 6.84 -12.01 -7.63
CA LEU A 148 6.21 -11.36 -6.49
C LEU A 148 6.75 -11.91 -5.18
N LYS A 149 6.83 -13.24 -5.12
CA LYS A 149 7.35 -13.91 -3.92
C LYS A 149 8.78 -13.45 -3.64
N ASP A 150 9.63 -13.39 -4.66
CA ASP A 150 10.99 -12.91 -4.49
C ASP A 150 10.99 -11.45 -3.95
N SER A 151 10.10 -10.60 -4.47
N SER A 151 10.08 -10.63 -4.47
CA SER A 151 10.02 -9.21 -4.02
CA SER A 151 10.04 -9.24 -4.04
C SER A 151 9.68 -9.10 -2.52
C SER A 151 9.67 -9.10 -2.55
N PHE A 152 8.75 -9.94 -2.07
CA PHE A 152 8.37 -9.92 -0.65
C PHE A 152 9.51 -10.50 0.23
N ARG A 153 10.08 -11.62 -0.22
CA ARG A 153 11.22 -12.23 0.50
C ARG A 153 12.40 -11.27 0.63
N ASN A 154 12.66 -10.52 -0.41
CA ASN A 154 13.74 -9.52 -0.45
C ASN A 154 13.66 -8.50 0.68
N VAL A 155 12.44 -8.22 1.12
CA VAL A 155 12.29 -7.28 2.25
C VAL A 155 12.00 -7.93 3.60
N GLY A 156 11.98 -9.26 3.65
CA GLY A 156 11.87 -9.96 4.93
C GLY A 156 10.52 -10.58 5.16
N LEU A 157 9.64 -10.54 4.16
CA LEU A 157 8.33 -11.17 4.29
C LEU A 157 8.34 -12.50 3.56
N ASN A 158 8.71 -13.57 4.26
CA ASN A 158 8.85 -14.87 3.57
C ASN A 158 7.58 -15.62 3.27
N ARG A 159 6.46 -15.26 3.94
CA ARG A 159 5.33 -16.18 3.99
C ARG A 159 4.34 -15.91 2.86
N SER A 160 3.85 -16.97 2.25
CA SER A 160 2.85 -16.74 1.21
C SER A 160 1.62 -16.06 1.78
N SER A 161 1.31 -16.29 3.04
CA SER A 161 0.18 -15.57 3.66
C SER A 161 0.42 -14.05 3.70
N ASP A 162 1.69 -13.62 3.85
CA ASP A 162 2.04 -12.20 3.82
C ASP A 162 1.60 -11.66 2.47
N LEU A 163 2.02 -12.35 1.40
CA LEU A 163 1.74 -11.87 0.03
C LEU A 163 0.24 -11.85 -0.24
N VAL A 164 -0.44 -12.95 0.05
CA VAL A 164 -1.85 -13.05 -0.32
C VAL A 164 -2.69 -12.06 0.51
N ALA A 165 -2.41 -11.96 1.80
CA ALA A 165 -3.19 -11.07 2.65
C ALA A 165 -2.95 -9.59 2.32
N LEU A 166 -1.70 -9.19 2.12
CA LEU A 166 -1.43 -7.78 1.87
C LEU A 166 -1.95 -7.36 0.51
N TYR A 167 -2.07 -8.30 -0.40
N TYR A 167 -1.92 -8.27 -0.46
CA TYR A 167 -2.63 -7.97 -1.69
CA TYR A 167 -2.71 -8.13 -1.75
C TYR A 167 -4.09 -7.53 -1.54
C TYR A 167 -4.16 -7.73 -1.63
N GLY A 168 -4.73 -8.00 -0.48
CA GLY A 168 -6.10 -7.59 -0.19
C GLY A 168 -6.22 -6.08 -0.11
N GLY A 169 -5.10 -5.36 -0.05
CA GLY A 169 -5.14 -3.90 -0.19
C GLY A 169 -5.81 -3.45 -1.49
N HIS A 170 -5.85 -4.34 -2.48
CA HIS A 170 -6.48 -4.06 -3.78
C HIS A 170 -7.98 -4.30 -3.69
N THR A 171 -8.49 -4.38 -2.45
CA THR A 171 -9.93 -4.40 -2.25
C THR A 171 -10.54 -2.99 -2.41
N PHE A 172 -9.69 -1.98 -2.52
CA PHE A 172 -10.18 -0.62 -2.80
C PHE A 172 -9.15 0.14 -3.65
N GLY A 173 -9.39 1.40 -3.99
CA GLY A 173 -8.38 2.13 -4.75
C GLY A 173 -8.45 1.99 -6.28
N LYS A 174 -7.56 2.72 -6.95
CA LYS A 174 -7.61 2.87 -8.40
C LYS A 174 -6.32 2.44 -9.03
N ASN A 175 -6.44 2.06 -10.31
CA ASN A 175 -5.34 1.64 -11.16
C ASN A 175 -5.43 2.31 -12.54
N GLN A 176 -4.32 2.82 -13.06
CA GLN A 176 -4.32 3.42 -14.40
C GLN A 176 -4.38 2.38 -15.53
N CYS A 177 -5.10 2.72 -16.60
CA CYS A 177 -5.14 1.87 -17.78
C CYS A 177 -3.76 1.35 -18.23
N ARG A 178 -2.75 2.19 -18.11
CA ARG A 178 -1.41 1.84 -18.59
C ARG A 178 -0.99 0.45 -18.08
N PHE A 179 -1.34 0.15 -16.84
CA PHE A 179 -0.84 -1.09 -16.19
C PHE A 179 -1.54 -2.36 -16.60
N ILE A 180 -2.62 -2.25 -17.37
CA ILE A 180 -3.31 -3.45 -17.82
C ILE A 180 -3.46 -3.56 -19.35
N MET A 181 -2.92 -2.60 -20.09
CA MET A 181 -3.04 -2.63 -21.56
C MET A 181 -2.58 -3.96 -22.18
N ASP A 182 -1.46 -4.52 -21.68
CA ASP A 182 -1.01 -5.76 -22.26
C ASP A 182 -2.00 -6.87 -22.04
N ARG A 183 -2.56 -6.97 -20.82
CA ARG A 183 -3.56 -8.00 -20.55
C ARG A 183 -4.75 -7.89 -21.49
N LEU A 184 -5.09 -6.66 -21.86
CA LEU A 184 -6.26 -6.40 -22.70
C LEU A 184 -5.98 -6.64 -24.18
N TYR A 185 -4.77 -6.35 -24.64
CA TYR A 185 -4.51 -6.34 -26.10
C TYR A 185 -3.32 -7.12 -26.61
N ASN A 186 -2.31 -7.30 -25.78
CA ASN A 186 -1.08 -7.92 -26.28
C ASN A 186 -0.32 -8.46 -25.10
N PHE A 187 -0.74 -9.64 -24.63
CA PHE A 187 -0.16 -10.22 -23.43
C PHE A 187 1.04 -11.10 -23.79
N SER A 188 2.18 -10.80 -23.20
CA SER A 188 3.38 -11.58 -23.46
C SER A 188 3.71 -11.69 -24.94
N ASN A 189 3.60 -10.57 -25.68
CA ASN A 189 3.87 -10.55 -27.12
C ASN A 189 3.11 -11.56 -27.99
N THR A 190 1.87 -11.83 -27.61
CA THR A 190 0.98 -12.66 -28.41
C THR A 190 0.01 -11.83 -29.29
N GLY A 191 -0.08 -10.55 -29.06
CA GLY A 191 -1.17 -9.82 -29.67
C GLY A 191 -2.55 -10.31 -29.23
N LEU A 192 -2.60 -11.11 -28.17
CA LEU A 192 -3.90 -11.57 -27.66
C LEU A 192 -4.06 -11.20 -26.18
N PRO A 193 -5.31 -11.15 -25.69
CA PRO A 193 -5.41 -10.83 -24.26
C PRO A 193 -4.87 -11.96 -23.36
N ASP A 194 -4.60 -11.60 -22.11
CA ASP A 194 -4.23 -12.58 -21.07
C ASP A 194 -5.36 -13.61 -20.94
N PRO A 195 -5.07 -14.90 -21.17
CA PRO A 195 -6.19 -15.85 -21.12
C PRO A 195 -6.77 -16.07 -19.71
N THR A 196 -6.07 -15.62 -18.67
CA THR A 196 -6.62 -15.76 -17.32
C THR A 196 -7.54 -14.62 -16.90
N LEU A 197 -7.82 -13.70 -17.83
CA LEU A 197 -8.79 -12.64 -17.54
C LEU A 197 -10.15 -13.09 -18.08
N ASN A 198 -11.14 -13.12 -17.20
CA ASN A 198 -12.50 -13.50 -17.58
C ASN A 198 -12.94 -12.71 -18.82
N THR A 199 -13.53 -13.36 -19.81
CA THR A 199 -13.76 -12.69 -21.09
C THR A 199 -14.87 -11.63 -21.03
N THR A 200 -15.84 -11.79 -20.12
CA THR A 200 -16.84 -10.73 -19.95
C THR A 200 -16.18 -9.49 -19.36
N TYR A 201 -15.37 -9.68 -18.34
CA TYR A 201 -14.70 -8.55 -17.72
C TYR A 201 -13.71 -7.91 -18.69
N LEU A 202 -13.10 -8.73 -19.54
CA LEU A 202 -12.19 -8.22 -20.56
C LEU A 202 -12.89 -7.12 -21.38
N GLN A 203 -14.13 -7.38 -21.77
CA GLN A 203 -14.88 -6.43 -22.60
C GLN A 203 -15.11 -5.13 -21.86
N THR A 204 -15.48 -5.23 -20.59
CA THR A 204 -15.69 -4.07 -19.74
C THR A 204 -14.41 -3.26 -19.66
N LEU A 205 -13.30 -3.93 -19.38
CA LEU A 205 -12.01 -3.22 -19.24
C LEU A 205 -11.55 -2.56 -20.55
N ARG A 206 -11.79 -3.24 -21.68
CA ARG A 206 -11.43 -2.66 -22.97
C ARG A 206 -12.25 -1.40 -23.25
N GLY A 207 -13.48 -1.39 -22.73
CA GLY A 207 -14.35 -0.22 -22.84
C GLY A 207 -13.81 0.96 -22.04
N LEU A 208 -13.24 0.66 -20.88
CA LEU A 208 -12.66 1.70 -20.05
C LEU A 208 -11.27 2.13 -20.54
N CYS A 209 -10.56 1.18 -21.14
CA CYS A 209 -9.16 1.33 -21.56
C CYS A 209 -8.97 0.92 -23.01
N PRO A 210 -9.51 1.72 -23.97
CA PRO A 210 -9.33 1.38 -25.39
C PRO A 210 -7.87 1.49 -25.83
N LEU A 211 -7.52 0.67 -26.83
CA LEU A 211 -6.21 0.74 -27.44
C LEU A 211 -6.11 2.19 -27.97
N ASN A 212 -4.97 2.83 -27.75
CA ASN A 212 -4.78 4.23 -28.12
C ASN A 212 -5.62 5.23 -27.29
N GLY A 213 -6.10 4.80 -26.13
CA GLY A 213 -6.83 5.70 -25.27
C GLY A 213 -5.91 6.35 -24.27
N ASN A 214 -6.51 7.07 -23.33
CA ASN A 214 -5.80 7.72 -22.24
C ASN A 214 -5.27 6.68 -21.26
N LEU A 215 -3.95 6.56 -21.21
CA LEU A 215 -3.28 5.58 -20.36
C LEU A 215 -3.38 5.90 -18.87
N SER A 216 -3.67 7.17 -18.54
CA SER A 216 -3.81 7.59 -17.16
C SER A 216 -5.23 7.48 -16.61
N ALA A 217 -6.17 7.03 -17.46
CA ALA A 217 -7.54 6.85 -16.96
C ALA A 217 -7.54 5.79 -15.87
N LEU A 218 -8.40 6.00 -14.86
CA LEU A 218 -8.37 5.15 -13.66
C LEU A 218 -9.51 4.15 -13.66
N VAL A 219 -9.21 2.94 -13.23
CA VAL A 219 -10.26 1.95 -13.08
CA VAL A 219 -10.13 1.80 -13.13
C VAL A 219 -10.15 1.34 -11.67
N ASP A 220 -11.28 0.91 -11.14
CA ASP A 220 -11.27 0.36 -9.78
C ASP A 220 -10.59 -0.99 -9.68
N PHE A 221 -9.76 -1.18 -8.66
CA PHE A 221 -9.17 -2.50 -8.42
C PHE A 221 -10.21 -3.60 -8.14
N ASP A 222 -11.27 -3.23 -7.42
CA ASP A 222 -12.28 -4.20 -6.98
C ASP A 222 -13.63 -3.87 -7.62
N LEU A 223 -14.04 -4.68 -8.62
CA LEU A 223 -15.27 -4.36 -9.35
C LEU A 223 -16.54 -4.53 -8.48
N ARG A 224 -16.41 -5.28 -7.38
CA ARG A 224 -17.56 -5.54 -6.50
C ARG A 224 -17.79 -4.37 -5.54
N THR A 225 -16.82 -4.06 -4.70
CA THR A 225 -16.94 -2.91 -3.81
C THR A 225 -15.72 -2.01 -3.87
N PRO A 226 -15.71 -1.08 -4.83
CA PRO A 226 -14.52 -0.30 -5.14
C PRO A 226 -13.94 0.50 -3.99
N THR A 227 -14.71 0.86 -2.97
CA THR A 227 -14.18 1.75 -1.92
C THR A 227 -14.29 1.12 -0.55
N ILE A 228 -14.84 -0.09 -0.48
CA ILE A 228 -15.01 -0.72 0.80
C ILE A 228 -13.92 -1.75 1.06
N PHE A 229 -13.29 -1.67 2.24
CA PHE A 229 -12.30 -2.66 2.62
C PHE A 229 -12.95 -3.96 3.10
N ASP A 230 -12.93 -4.98 2.25
CA ASP A 230 -13.60 -6.25 2.54
C ASP A 230 -12.93 -7.34 1.75
N ASN A 231 -13.41 -8.55 1.89
CA ASN A 231 -12.77 -9.69 1.23
C ASN A 231 -13.26 -9.92 -0.22
N LYS A 232 -13.98 -8.95 -0.81
CA LYS A 232 -14.56 -9.18 -2.14
C LYS A 232 -13.47 -9.29 -3.20
N TYR A 233 -12.34 -8.61 -2.95
CA TYR A 233 -11.12 -8.80 -3.76
C TYR A 233 -10.86 -10.27 -4.10
N TYR A 234 -10.98 -11.16 -3.12
CA TYR A 234 -10.61 -12.55 -3.32
C TYR A 234 -11.66 -13.32 -4.12
N VAL A 235 -12.93 -12.96 -3.92
CA VAL A 235 -13.99 -13.56 -4.71
C VAL A 235 -13.78 -13.22 -6.17
N ASN A 236 -13.34 -11.98 -6.46
CA ASN A 236 -13.01 -11.60 -7.85
C ASN A 236 -11.97 -12.53 -8.46
N LEU A 237 -10.91 -12.80 -7.70
CA LEU A 237 -9.84 -13.66 -8.19
C LEU A 237 -10.36 -15.04 -8.58
N GLU A 238 -11.27 -15.58 -7.77
CA GLU A 238 -11.79 -16.92 -8.02
C GLU A 238 -12.57 -16.98 -9.33
N GLU A 239 -13.05 -15.81 -9.76
CA GLU A 239 -13.79 -15.69 -11.01
C GLU A 239 -12.94 -15.20 -12.19
N GLN A 240 -11.61 -15.17 -12.03
CA GLN A 240 -10.70 -14.64 -13.06
C GLN A 240 -10.94 -13.13 -13.29
N LYS A 241 -11.33 -12.44 -12.23
CA LYS A 241 -11.59 -10.99 -12.31
C LYS A 241 -10.62 -10.13 -11.48
N GLY A 242 -9.44 -10.68 -11.15
CA GLY A 242 -8.36 -9.81 -10.69
C GLY A 242 -8.00 -8.79 -11.77
N LEU A 243 -7.72 -7.55 -11.36
CA LEU A 243 -7.51 -6.46 -12.32
C LEU A 243 -6.12 -6.50 -12.95
N ILE A 244 -5.08 -6.46 -12.12
CA ILE A 244 -3.70 -6.49 -12.66
C ILE A 244 -3.19 -7.94 -12.74
N GLN A 245 -2.16 -8.14 -13.57
CA GLN A 245 -1.64 -9.47 -13.79
C GLN A 245 -1.26 -10.11 -12.45
N SER A 246 -0.58 -9.32 -11.61
CA SER A 246 -0.12 -9.82 -10.29
CA SER A 246 -0.10 -9.81 -10.31
C SER A 246 -1.26 -10.25 -9.37
N ASP A 247 -2.43 -9.60 -9.49
CA ASP A 247 -3.59 -10.02 -8.70
C ASP A 247 -3.98 -11.43 -9.13
N GLN A 248 -4.20 -11.59 -10.44
CA GLN A 248 -4.72 -12.87 -10.92
C GLN A 248 -3.72 -14.01 -10.74
N GLU A 249 -2.43 -13.67 -10.75
CA GLU A 249 -1.41 -14.68 -10.52
C GLU A 249 -1.52 -15.41 -9.19
N LEU A 250 -2.04 -14.74 -8.17
CA LEU A 250 -2.20 -15.41 -6.86
C LEU A 250 -3.08 -16.64 -6.96
N PHE A 251 -4.03 -16.63 -7.90
CA PHE A 251 -4.95 -17.74 -8.07
C PHE A 251 -4.67 -18.63 -9.29
N SER A 252 -4.05 -18.06 -10.32
CA SER A 252 -3.98 -18.75 -11.62
C SER A 252 -2.58 -19.19 -12.04
N SER A 253 -1.53 -18.72 -11.34
CA SER A 253 -0.15 -19.06 -11.69
C SER A 253 0.09 -20.58 -11.59
N PRO A 254 0.91 -21.12 -12.48
CA PRO A 254 1.38 -22.50 -12.26
C PRO A 254 2.08 -22.66 -10.92
N ASN A 255 2.54 -21.55 -10.33
CA ASN A 255 3.27 -21.58 -9.04
C ASN A 255 2.34 -21.34 -7.85
N ALA A 256 1.03 -21.36 -8.07
CA ALA A 256 0.05 -20.95 -7.05
C ALA A 256 -0.48 -22.07 -6.14
N THR A 257 0.20 -23.22 -6.09
CA THR A 257 -0.26 -24.29 -5.22
C THR A 257 -0.42 -23.82 -3.77
N ASP A 258 0.50 -22.99 -3.28
CA ASP A 258 0.43 -22.50 -1.91
C ASP A 258 -0.50 -21.30 -1.74
N THR A 259 -0.69 -20.52 -2.81
CA THR A 259 -1.52 -19.31 -2.67
C THR A 259 -3.01 -19.52 -2.94
N ILE A 260 -3.35 -20.48 -3.80
CA ILE A 260 -4.77 -20.79 -4.08
C ILE A 260 -5.59 -21.03 -2.79
N PRO A 261 -5.06 -21.84 -1.85
CA PRO A 261 -5.90 -22.10 -0.67
C PRO A 261 -6.02 -20.89 0.23
N LEU A 262 -5.03 -20.00 0.22
CA LEU A 262 -5.15 -18.74 0.96
C LEU A 262 -6.23 -17.84 0.33
N VAL A 263 -6.17 -17.66 -0.99
CA VAL A 263 -7.21 -16.89 -1.70
C VAL A 263 -8.62 -17.44 -1.33
N ARG A 264 -8.78 -18.75 -1.42
CA ARG A 264 -10.09 -19.36 -1.14
C ARG A 264 -10.49 -19.12 0.31
N SER A 265 -9.56 -19.37 1.25
CA SER A 265 -9.90 -19.17 2.64
C SER A 265 -10.29 -17.71 2.92
N PHE A 266 -9.63 -16.75 2.26
CA PHE A 266 -9.97 -15.35 2.50
C PHE A 266 -11.27 -14.95 1.80
N ALA A 267 -11.56 -15.55 0.65
CA ALA A 267 -12.85 -15.33 -0.02
C ALA A 267 -13.98 -15.91 0.85
N ASN A 268 -13.70 -16.99 1.56
CA ASN A 268 -14.77 -17.67 2.29
C ASN A 268 -15.08 -17.04 3.64
N SER A 269 -14.15 -16.29 4.20
CA SER A 269 -14.35 -15.77 5.55
C SER A 269 -13.72 -14.40 5.74
N THR A 270 -14.59 -13.40 5.94
CA THR A 270 -14.15 -12.08 6.31
C THR A 270 -13.22 -12.13 7.52
N GLN A 271 -13.59 -12.90 8.54
CA GLN A 271 -12.80 -12.97 9.75
C GLN A 271 -11.42 -13.57 9.48
N THR A 272 -11.38 -14.62 8.68
CA THR A 272 -10.10 -15.21 8.31
C THR A 272 -9.22 -14.17 7.59
N PHE A 273 -9.79 -13.50 6.60
CA PHE A 273 -9.03 -12.45 5.90
C PHE A 273 -8.54 -11.34 6.83
N PHE A 274 -9.46 -10.79 7.63
CA PHE A 274 -9.13 -9.63 8.46
C PHE A 274 -8.02 -10.01 9.44
N ASN A 275 -8.11 -11.22 10.02
CA ASN A 275 -7.06 -11.71 10.93
C ASN A 275 -5.70 -11.74 10.23
N ALA A 276 -5.69 -12.31 9.04
CA ALA A 276 -4.44 -12.48 8.30
C ALA A 276 -3.92 -11.11 7.83
N PHE A 277 -4.84 -10.18 7.55
CA PHE A 277 -4.44 -8.86 7.07
C PHE A 277 -3.74 -8.10 8.17
N VAL A 278 -4.33 -8.12 9.37
CA VAL A 278 -3.70 -7.44 10.50
C VAL A 278 -2.33 -8.03 10.83
N GLU A 279 -2.24 -9.37 10.83
CA GLU A 279 -0.99 -10.06 11.08
C GLU A 279 0.07 -9.64 10.07
N ALA A 280 -0.32 -9.67 8.78
CA ALA A 280 0.62 -9.32 7.71
C ALA A 280 1.02 -7.85 7.75
N MET A 281 0.04 -6.97 8.03
CA MET A 281 0.33 -5.54 8.15
C MET A 281 1.35 -5.28 9.25
N ASP A 282 1.17 -5.94 10.39
CA ASP A 282 2.13 -5.71 11.47
C ASP A 282 3.54 -6.26 11.14
N ARG A 283 3.60 -7.37 10.42
CA ARG A 283 4.88 -7.89 9.91
C ARG A 283 5.50 -6.88 8.94
N MET A 284 4.70 -6.34 8.01
CA MET A 284 5.24 -5.32 7.11
C MET A 284 5.69 -4.07 7.86
N GLY A 285 4.89 -3.64 8.86
CA GLY A 285 5.27 -2.49 9.65
C GLY A 285 6.50 -2.70 10.53
N ASN A 286 7.00 -3.94 10.59
CA ASN A 286 8.15 -4.28 11.41
C ASN A 286 9.40 -4.42 10.54
N ILE A 287 9.30 -4.00 9.27
CA ILE A 287 10.49 -4.11 8.39
C ILE A 287 11.54 -3.07 8.75
N THR A 288 12.71 -3.58 9.14
CA THR A 288 13.91 -2.79 9.48
C THR A 288 13.71 -1.37 10.05
N PRO A 289 13.00 -1.24 11.18
CA PRO A 289 12.77 0.10 11.72
C PRO A 289 14.04 0.70 12.35
N LEU A 290 14.16 2.02 12.30
CA LEU A 290 15.07 2.76 13.18
C LEU A 290 14.33 2.94 14.51
N THR A 291 15.02 2.75 15.62
CA THR A 291 14.36 2.88 16.93
C THR A 291 15.31 3.49 17.93
N GLY A 292 14.79 3.78 19.12
CA GLY A 292 15.59 4.32 20.20
C GLY A 292 16.12 5.70 19.91
N THR A 293 17.44 5.81 19.75
CA THR A 293 18.06 7.08 19.40
C THR A 293 18.47 7.12 17.92
N GLN A 294 18.14 6.08 17.16
CA GLN A 294 18.52 6.04 15.73
C GLN A 294 17.63 6.98 14.91
N GLY A 295 18.19 7.69 13.95
CA GLY A 295 17.36 8.56 13.11
C GLY A 295 16.72 9.69 13.92
N GLN A 296 15.66 10.28 13.42
CA GLN A 296 15.08 11.45 14.04
C GLN A 296 13.59 11.30 14.33
N ILE A 297 13.08 12.25 15.09
CA ILE A 297 11.66 12.59 15.04
CA ILE A 297 11.65 12.55 15.01
C ILE A 297 11.56 13.78 14.10
N ARG A 298 11.22 13.54 12.85
CA ARG A 298 11.28 14.60 11.83
C ARG A 298 10.16 15.60 12.08
N LEU A 299 10.44 16.91 11.99
CA LEU A 299 9.39 17.89 12.31
C LEU A 299 8.51 18.25 11.11
N ASN A 300 9.13 18.25 9.91
CA ASN A 300 8.46 18.45 8.63
C ASN A 300 8.77 17.17 7.84
N CYS A 301 7.74 16.41 7.48
CA CYS A 301 7.97 15.09 6.89
C CYS A 301 8.78 15.12 5.58
N ARG A 302 8.83 16.28 4.92
CA ARG A 302 9.54 16.41 3.65
C ARG A 302 11.05 16.65 3.72
N VAL A 303 11.59 17.01 4.90
CA VAL A 303 13.00 17.39 5.00
C VAL A 303 13.58 16.85 6.31
N VAL A 304 14.82 16.42 6.27
CA VAL A 304 15.53 16.01 7.49
C VAL A 304 15.67 17.23 8.38
N ASN A 305 15.60 17.04 9.70
CA ASN A 305 15.82 18.15 10.59
C ASN A 305 17.24 18.64 10.51
N SER A 306 17.31 19.95 10.57
CA SER A 306 18.50 20.71 10.87
CA SER A 306 18.50 20.70 10.89
C SER A 306 18.25 21.69 11.99
CHA HEM B . -2.33 0.82 -6.50
CHA HEM B . -2.55 0.64 -6.44
CHB HEM B . 0.82 -2.57 -8.00
CHB HEM B . 0.64 -2.68 -8.05
CHC HEM B . 0.88 -4.63 -3.58
CHC HEM B . 0.95 -4.67 -3.61
CHD HEM B . -2.09 -1.16 -1.99
CHD HEM B . -2.09 -1.23 -1.99
C1A HEM B . -1.49 0.09 -7.30
C1A HEM B . -1.64 -0.02 -7.24
C2A HEM B . -1.21 0.30 -8.70
C2A HEM B . -1.37 0.25 -8.64
C3A HEM B . -0.35 -0.63 -9.10
C3A HEM B . -0.51 -0.69 -9.08
C4A HEM B . -0.04 -1.48 -7.97
C4A HEM B . -0.19 -1.57 -7.97
CMA HEM B . 0.24 -0.78 -10.52
CMA HEM B . 0.09 -0.81 -10.49
CAA HEM B . -1.79 1.42 -9.61
CAA HEM B . -1.98 1.39 -9.45
CBA HEM B . -0.98 2.68 -9.34
CBA HEM B . -1.03 2.61 -9.45
CGA HEM B . -1.19 3.70 -10.44
CGA HEM B . -1.61 3.78 -10.27
O1A HEM B . -0.36 4.62 -10.62
O1A HEM B . -1.15 4.93 -10.09
O2A HEM B . -2.20 3.57 -11.18
O2A HEM B . -2.52 3.55 -11.10
C1B HEM B . 1.10 -3.44 -6.97
C1B HEM B . 0.98 -3.56 -7.02
C2B HEM B . 1.91 -4.63 -7.05
C2B HEM B . 1.85 -4.71 -7.12
C3B HEM B . 1.93 -5.19 -5.83
C3B HEM B . 1.93 -5.28 -5.89
C4B HEM B . 1.12 -4.40 -4.93
C4B HEM B . 1.12 -4.49 -4.97
CMB HEM B . 2.62 -5.14 -8.33
CMB HEM B . 2.52 -5.24 -8.39
CAB HEM B . 2.66 -6.48 -5.43
CAB HEM B . 2.38 -6.74 -5.83
CBB HEM B . 2.76 -6.77 -4.13
CBB HEM B . 2.22 -7.52 -4.54
C1C HEM B . 0.18 -3.79 -2.72
C1C HEM B . 0.16 -3.89 -2.75
C2C HEM B . 0.23 -3.77 -1.26
C2C HEM B . 0.09 -3.96 -1.31
C3C HEM B . -0.59 -2.78 -0.82
C3C HEM B . -0.77 -3.01 -0.84
C4C HEM B . -1.19 -2.18 -1.99
C4C HEM B . -1.16 -2.23 -2.02
CMC HEM B . 1.09 -4.70 -0.39
CMC HEM B . 0.87 -5.05 -0.54
CAC HEM B . -0.93 -2.35 0.62
CAC HEM B . -1.24 -2.60 0.39
CBC HEM B . -1.24 -3.26 1.56
CBC HEM B . -0.80 -3.38 1.48
C1D HEM B . -2.51 -0.39 -3.06
C1D HEM B . -2.49 -0.47 -3.05
C2D HEM B . -3.56 0.57 -2.99
C2D HEM B . -3.60 0.45 -3.01
C3D HEM B . -3.65 1.19 -4.39
C3D HEM B . -3.73 1.01 -4.22
C4D HEM B . -2.61 0.56 -5.16
C4D HEM B . -2.79 0.35 -5.10
CMD HEM B . -4.44 0.89 -1.75
CMD HEM B . -4.41 0.74 -1.74
CAD HEM B . -4.60 2.29 -4.88
CAD HEM B . -4.75 2.05 -4.67
CBD HEM B . -3.90 3.57 -4.44
CBD HEM B . -4.07 3.41 -4.50
CGD HEM B . -4.66 4.81 -4.83
CGD HEM B . -4.90 4.63 -4.94
O1D HEM B . -4.15 5.92 -4.52
O1D HEM B . -4.36 5.76 -4.79
O2D HEM B . -5.75 4.69 -5.44
O2D HEM B . -6.04 4.45 -5.41
NA HEM B . -0.75 -1.01 -6.89
NA HEM B . -0.94 -1.15 -6.90
NB HEM B . 0.63 -3.34 -5.67
NB HEM B . 0.58 -3.46 -5.70
NC HEM B . -0.69 -2.81 -3.11
NC HEM B . -0.58 -2.80 -3.12
ND HEM B . -1.96 -0.37 -4.35
ND HEM B . -2.05 -0.54 -4.34
FE HEM B . -0.90 -2.10 -5.06
CA CA C . 11.12 3.62 3.64
CA CA D . -13.75 -3.95 -1.76
C ACT E . 3.30 -0.61 -6.80
O ACT E . 2.51 -0.15 -5.98
OXT ACT E . 3.35 -0.03 -7.92
CH3 ACT E . 4.10 -1.80 -6.35
H1 ACT E . 3.84 -2.04 -5.31
H2 ACT E . 3.90 -2.65 -6.99
H3 ACT E . 5.17 -1.55 -6.39
#